data_5LON
#
_entry.id   5LON
#
_cell.length_a   216.685
_cell.length_b   216.685
_cell.length_c   216.685
_cell.angle_alpha   90.00
_cell.angle_beta   90.00
_cell.angle_gamma   90.00
#
_symmetry.space_group_name_H-M   'I 4 3 2'
#
loop_
_entity.id
_entity.type
_entity.pdbx_description
1 polymer KLLA0F23980p
2 polymer KLLA0E01827p
#
loop_
_entity_poly.entity_id
_entity_poly.type
_entity_poly.pdbx_seq_one_letter_code
_entity_poly.pdbx_strand_id
1 'polypeptide(L)'
;MSLPLLRPFETVSLENAVEDLVVRFILNVPPEDLSTVERVLFHFEEASWFYTDFVKLMNPYLPNLSIKSFSKIVIDICPL
IWNWDITPENALVKFSNYKKTIPVRGAAIFNDSLSKILLLRGINSKHWSFPRGKIGKDEDDVACCIREVKEETGFDLTGF
IDADQYVERNMNGKNFKIFLVKGVPEDFEFKPEHKNEIQAIEWKDFKKLSKAITKNEGSAKVFLVNSMIRPLSLYVKNEK
RAKDENKLKLYAEEHLKSILGLNKKENKIVLDAGRHHHHHH
;
A
2 'polypeptide(L)'
;MSTETLEIYRKALNFNVIARYDPKIKQLLFHTPHATVYKWGDDNWNKLEYQGVLAIYLRDVGDKEAILPEVSSYDDTITG
QQSEANTPHVLTGHDIYNYGLIIMNRINPDNFSLAIAPNSVLNKRKLFAPNREEELEPMKVEVRDDLVMIKTLKKEVYGI
WVHTPEDRQNIYELIKYLLENEPTDSFT
;
B
#
# COMPACT_ATOMS: atom_id res chain seq x y z
N SER A 2 14.84 -2.44 -0.50
CA SER A 2 16.10 -3.07 -0.12
C SER A 2 16.54 -2.68 1.29
N LEU A 3 16.50 -1.38 1.64
CA LEU A 3 16.86 -0.87 2.97
C LEU A 3 15.84 -1.40 3.99
N PRO A 4 16.24 -1.89 5.19
CA PRO A 4 15.26 -2.47 6.10
C PRO A 4 14.43 -1.49 6.92
N LEU A 5 13.25 -1.14 6.40
CA LEU A 5 12.30 -0.26 7.10
C LEU A 5 11.30 -1.12 7.83
N LEU A 6 10.96 -0.74 9.08
CA LEU A 6 10.05 -1.50 9.93
C LEU A 6 8.58 -1.45 9.50
N ARG A 7 7.68 -2.00 10.33
CA ARG A 7 6.25 -2.08 10.09
C ARG A 7 5.55 -1.31 11.22
N PRO A 8 5.35 0.01 11.06
CA PRO A 8 4.79 0.81 12.16
C PRO A 8 3.29 0.87 12.21
N PHE A 9 2.63 0.37 11.18
CA PHE A 9 1.20 0.40 11.13
C PHE A 9 0.60 -0.52 12.19
N GLU A 10 1.22 -1.69 12.37
CA GLU A 10 0.79 -2.74 13.29
C GLU A 10 0.99 -2.39 14.75
N THR A 11 1.53 -1.21 15.07
CA THR A 11 1.81 -0.82 16.45
C THR A 11 1.45 0.60 16.83
N VAL A 12 1.02 1.41 15.87
CA VAL A 12 0.77 2.82 16.12
C VAL A 12 -0.71 3.20 16.26
N SER A 13 -0.94 4.38 16.88
CA SER A 13 -2.23 5.02 17.14
C SER A 13 -3.09 5.20 15.91
N LEU A 14 -4.42 5.26 16.08
CA LEU A 14 -5.32 5.50 14.95
C LEU A 14 -5.05 6.88 14.38
N GLU A 15 -4.71 7.84 15.27
CA GLU A 15 -4.39 9.21 14.91
C GLU A 15 -3.21 9.18 13.90
N ASN A 16 -2.16 8.40 14.23
CA ASN A 16 -0.97 8.16 13.40
C ASN A 16 -1.23 7.35 12.15
N ALA A 17 -2.08 6.30 12.25
CA ALA A 17 -2.44 5.44 11.10
C ALA A 17 -3.08 6.28 9.99
N VAL A 18 -3.96 7.24 10.38
CA VAL A 18 -4.65 8.16 9.49
C VAL A 18 -3.55 9.03 8.83
N GLU A 19 -2.69 9.70 9.65
CA GLU A 19 -1.57 10.55 9.22
C GLU A 19 -0.77 9.91 8.04
N ASP A 20 -0.34 8.62 8.27
CA ASP A 20 0.37 7.75 7.31
C ASP A 20 -0.43 7.74 5.95
N LEU A 21 -1.66 7.15 6.03
CA LEU A 21 -2.61 7.03 4.92
C LEU A 21 -2.83 8.37 4.21
N VAL A 22 -2.70 9.50 5.01
CA VAL A 22 -2.86 10.87 4.46
C VAL A 22 -1.69 10.99 3.47
N VAL A 23 -0.36 10.82 4.00
CA VAL A 23 0.90 10.89 3.19
C VAL A 23 0.73 9.97 1.94
N ARG A 24 0.24 8.72 2.22
CA ARG A 24 0.03 7.71 1.21
C ARG A 24 -0.90 8.12 0.10
N PHE A 25 -2.14 8.51 0.43
CA PHE A 25 -3.18 8.78 -0.58
C PHE A 25 -3.65 10.22 -0.78
N ILE A 26 -3.69 11.02 0.27
CA ILE A 26 -4.27 12.35 0.16
C ILE A 26 -3.24 13.47 -0.06
N LEU A 27 -2.28 13.67 0.87
CA LEU A 27 -1.36 14.82 0.82
C LEU A 27 -0.35 14.89 -0.34
N ASN A 28 0.24 13.76 -0.82
CA ASN A 28 1.23 13.87 -1.92
C ASN A 28 0.55 13.57 -3.26
N VAL A 29 0.06 14.65 -3.84
CA VAL A 29 -0.78 14.66 -5.02
C VAL A 29 -0.67 16.02 -5.73
N PRO A 30 -0.80 16.08 -7.07
CA PRO A 30 -0.73 17.39 -7.72
C PRO A 30 -1.94 18.24 -7.34
N PRO A 31 -1.70 19.54 -7.06
CA PRO A 31 -2.78 20.45 -6.62
C PRO A 31 -4.19 20.24 -7.16
N GLU A 32 -4.31 19.82 -8.43
CA GLU A 32 -5.57 19.53 -9.11
C GLU A 32 -6.42 18.59 -8.24
N ASP A 33 -5.80 17.51 -7.73
CA ASP A 33 -6.42 16.50 -6.86
C ASP A 33 -6.49 16.98 -5.39
N LEU A 34 -6.66 18.29 -5.17
CA LEU A 34 -6.76 18.88 -3.84
C LEU A 34 -7.62 20.13 -3.84
N SER A 35 -7.69 20.81 -4.98
CA SER A 35 -8.48 22.02 -5.19
C SER A 35 -9.90 21.67 -5.68
N THR A 36 -10.16 20.38 -5.90
CA THR A 36 -11.46 19.88 -6.36
C THR A 36 -12.02 18.82 -5.42
N VAL A 37 -13.21 19.09 -4.86
CA VAL A 37 -13.94 18.25 -3.90
C VAL A 37 -14.11 16.82 -4.36
N GLU A 38 -14.61 16.63 -5.59
CA GLU A 38 -14.87 15.31 -6.19
C GLU A 38 -13.62 14.44 -6.18
N ARG A 39 -12.44 15.05 -6.34
CA ARG A 39 -11.20 14.31 -6.39
C ARG A 39 -10.75 13.83 -5.02
N VAL A 40 -10.61 14.72 -4.00
CA VAL A 40 -10.17 14.26 -2.67
C VAL A 40 -11.18 13.31 -2.03
N LEU A 41 -12.50 13.42 -2.35
CA LEU A 41 -13.50 12.50 -1.81
C LEU A 41 -13.24 11.09 -2.34
N PHE A 42 -12.56 10.96 -3.50
CA PHE A 42 -12.17 9.68 -4.07
C PHE A 42 -10.87 9.19 -3.41
N HIS A 43 -9.97 10.11 -3.03
CA HIS A 43 -8.74 9.71 -2.35
C HIS A 43 -9.06 9.28 -0.90
N PHE A 44 -10.22 9.70 -0.36
CA PHE A 44 -10.67 9.30 0.98
C PHE A 44 -11.22 7.93 0.82
N GLU A 45 -12.00 7.73 -0.27
CA GLU A 45 -12.59 6.45 -0.66
C GLU A 45 -11.40 5.50 -0.68
N GLU A 46 -10.37 5.83 -1.47
CA GLU A 46 -9.14 5.08 -1.68
C GLU A 46 -8.34 4.70 -0.41
N ALA A 47 -8.27 5.60 0.58
CA ALA A 47 -7.51 5.35 1.81
C ALA A 47 -8.32 4.60 2.87
N SER A 48 -9.68 4.72 2.84
CA SER A 48 -10.59 4.00 3.73
C SER A 48 -10.50 2.52 3.42
N TRP A 49 -10.40 2.15 2.12
CA TRP A 49 -10.24 0.78 1.68
C TRP A 49 -8.89 0.25 2.13
N PHE A 50 -7.82 0.99 1.89
CA PHE A 50 -6.49 0.59 2.37
C PHE A 50 -6.47 0.45 3.88
N TYR A 51 -7.31 1.23 4.60
CA TYR A 51 -7.37 1.12 6.06
C TYR A 51 -8.07 -0.19 6.45
N THR A 52 -9.26 -0.45 5.88
CA THR A 52 -10.08 -1.63 6.16
C THR A 52 -9.44 -2.95 5.65
N ASP A 53 -8.73 -2.91 4.53
CA ASP A 53 -8.12 -4.07 3.90
C ASP A 53 -6.68 -4.37 4.34
N PHE A 54 -6.01 -3.44 5.04
CA PHE A 54 -4.62 -3.63 5.50
C PHE A 54 -4.34 -3.09 6.87
N VAL A 55 -4.66 -1.83 7.13
CA VAL A 55 -4.34 -1.20 8.41
C VAL A 55 -5.08 -1.85 9.57
N LYS A 56 -6.39 -2.09 9.43
CA LYS A 56 -7.23 -2.74 10.43
C LYS A 56 -6.77 -4.19 10.65
N LEU A 57 -6.27 -4.82 9.59
CA LEU A 57 -5.80 -6.19 9.62
C LEU A 57 -4.38 -6.35 10.19
N MET A 58 -3.60 -5.27 10.24
CA MET A 58 -2.26 -5.34 10.79
C MET A 58 -2.24 -5.04 12.27
N ASN A 59 -3.07 -4.06 12.70
CA ASN A 59 -3.22 -3.57 14.07
C ASN A 59 -4.67 -3.84 14.50
N PRO A 60 -4.91 -4.84 15.37
CA PRO A 60 -6.29 -5.22 15.70
C PRO A 60 -6.98 -4.37 16.75
N TYR A 61 -6.24 -3.51 17.40
CA TYR A 61 -6.76 -2.63 18.43
C TYR A 61 -7.51 -1.45 17.79
N LEU A 62 -7.34 -1.30 16.47
CA LEU A 62 -7.97 -0.25 15.68
C LEU A 62 -9.44 -0.58 15.46
N PRO A 63 -10.36 0.41 15.38
CA PRO A 63 -11.77 0.08 15.17
C PRO A 63 -12.14 -0.04 13.69
N ASN A 64 -13.24 -0.76 13.38
CA ASN A 64 -13.65 -0.90 11.99
C ASN A 64 -14.37 0.37 11.54
N LEU A 65 -13.78 1.08 10.56
CA LEU A 65 -14.27 2.36 10.08
C LEU A 65 -14.78 2.34 8.65
N SER A 66 -16.02 2.85 8.50
CA SER A 66 -16.70 3.00 7.22
C SER A 66 -16.32 4.36 6.66
N ILE A 67 -16.37 4.53 5.31
CA ILE A 67 -16.03 5.77 4.60
C ILE A 67 -16.78 6.96 5.21
N LYS A 68 -17.88 6.67 5.92
CA LYS A 68 -18.73 7.61 6.64
C LYS A 68 -17.89 8.31 7.73
N SER A 69 -17.42 7.52 8.71
CA SER A 69 -16.66 7.96 9.87
C SER A 69 -15.17 8.23 9.66
N PHE A 70 -14.49 7.44 8.80
CA PHE A 70 -13.05 7.58 8.50
C PHE A 70 -12.72 8.97 7.98
N SER A 71 -13.59 9.51 7.10
CA SER A 71 -13.48 10.84 6.52
C SER A 71 -13.62 11.89 7.61
N LYS A 72 -14.57 11.69 8.53
CA LYS A 72 -14.81 12.56 9.67
C LYS A 72 -13.53 12.63 10.49
N ILE A 73 -12.79 11.50 10.59
CA ILE A 73 -11.54 11.35 11.34
C ILE A 73 -10.34 12.03 10.65
N VAL A 74 -10.22 11.90 9.30
CA VAL A 74 -9.14 12.54 8.54
C VAL A 74 -9.31 14.06 8.63
N ILE A 75 -10.57 14.54 8.56
CA ILE A 75 -10.98 15.95 8.66
C ILE A 75 -10.61 16.59 10.02
N ASP A 76 -10.50 15.77 11.07
CA ASP A 76 -10.20 16.25 12.42
C ASP A 76 -8.71 16.26 12.71
N ILE A 77 -8.00 15.17 12.38
CA ILE A 77 -6.56 14.99 12.64
C ILE A 77 -5.69 15.88 11.73
N CYS A 78 -6.05 15.97 10.43
CA CYS A 78 -5.37 16.77 9.39
C CYS A 78 -6.39 17.76 8.73
N PRO A 79 -6.87 18.81 9.44
CA PRO A 79 -7.91 19.67 8.84
C PRO A 79 -7.42 20.63 7.78
N LEU A 80 -6.22 20.43 7.34
CA LEU A 80 -5.57 21.28 6.39
C LEU A 80 -5.97 20.96 4.98
N ILE A 81 -6.37 19.70 4.72
CA ILE A 81 -6.77 19.20 3.40
C ILE A 81 -8.21 19.62 3.02
N TRP A 82 -9.12 19.68 4.00
CA TRP A 82 -10.49 20.08 3.81
C TRP A 82 -10.58 21.60 3.90
N ASN A 83 -10.71 22.27 2.76
CA ASN A 83 -10.77 23.72 2.72
C ASN A 83 -12.21 24.25 2.77
N TRP A 84 -13.10 23.69 1.93
CA TRP A 84 -14.53 24.02 1.74
C TRP A 84 -15.37 24.02 3.03
N ASP A 85 -16.62 24.54 2.93
CA ASP A 85 -17.54 24.72 4.06
C ASP A 85 -18.47 23.52 4.36
N ILE A 86 -18.85 22.71 3.36
CA ILE A 86 -19.75 21.57 3.59
C ILE A 86 -19.02 20.42 4.34
N THR A 87 -19.78 19.54 5.02
CA THR A 87 -19.22 18.40 5.76
C THR A 87 -18.90 17.28 4.78
N PRO A 88 -17.92 16.39 5.05
CA PRO A 88 -17.64 15.28 4.12
C PRO A 88 -18.86 14.39 3.91
N GLU A 89 -19.50 13.91 5.03
CA GLU A 89 -20.72 13.09 5.02
C GLU A 89 -21.66 13.69 4.01
N ASN A 90 -21.92 15.02 4.09
CA ASN A 90 -22.83 15.74 3.20
C ASN A 90 -22.36 15.80 1.74
N ALA A 91 -21.04 15.90 1.55
CA ALA A 91 -20.42 16.00 0.22
C ALA A 91 -20.29 14.67 -0.53
N LEU A 92 -19.74 13.63 0.16
CA LEU A 92 -19.53 12.29 -0.46
C LEU A 92 -20.85 11.55 -0.81
N VAL A 93 -22.01 12.24 -0.66
CA VAL A 93 -23.37 11.76 -0.97
C VAL A 93 -23.89 12.54 -2.19
N LYS A 94 -23.73 13.87 -2.15
CA LYS A 94 -24.14 14.75 -3.25
C LYS A 94 -23.18 14.61 -4.45
N PHE A 95 -21.85 14.50 -4.19
CA PHE A 95 -20.80 14.51 -5.20
C PHE A 95 -20.22 13.16 -5.59
N SER A 96 -19.63 12.42 -4.64
CA SER A 96 -19.01 11.13 -5.03
C SER A 96 -20.06 10.09 -5.41
N ASN A 97 -21.15 10.05 -4.63
CA ASN A 97 -22.19 9.09 -4.91
C ASN A 97 -23.14 9.57 -6.03
N TYR A 98 -22.70 10.58 -6.84
CA TYR A 98 -23.41 10.98 -8.06
C TYR A 98 -23.10 9.78 -8.99
N LYS A 99 -21.94 9.11 -8.71
CA LYS A 99 -21.45 7.85 -9.29
C LYS A 99 -22.25 6.76 -8.52
N LYS A 100 -23.56 6.58 -8.92
CA LYS A 100 -24.53 5.66 -8.31
C LYS A 100 -24.09 4.20 -8.41
N THR A 101 -23.73 3.64 -7.25
CA THR A 101 -23.19 2.30 -7.08
C THR A 101 -24.23 1.23 -6.76
N ILE A 102 -23.92 -0.03 -7.14
CA ILE A 102 -24.76 -1.22 -6.91
C ILE A 102 -24.13 -2.01 -5.73
N PRO A 103 -24.66 -1.86 -4.48
CA PRO A 103 -24.07 -2.59 -3.34
C PRO A 103 -24.27 -4.09 -3.49
N VAL A 104 -23.17 -4.85 -3.56
CA VAL A 104 -23.23 -6.29 -3.73
C VAL A 104 -22.72 -6.94 -2.44
N ARG A 105 -23.58 -7.72 -1.77
CA ARG A 105 -23.22 -8.37 -0.50
C ARG A 105 -22.97 -9.86 -0.65
N GLY A 106 -21.76 -10.25 -0.24
CA GLY A 106 -21.27 -11.62 -0.25
C GLY A 106 -20.30 -11.91 0.88
N ALA A 107 -19.64 -13.08 0.86
CA ALA A 107 -18.70 -13.46 1.92
C ALA A 107 -17.59 -14.41 1.49
N ALA A 108 -16.40 -14.24 2.14
CA ALA A 108 -15.22 -15.08 1.96
C ALA A 108 -15.28 -16.18 3.03
N ILE A 109 -15.76 -17.36 2.64
CA ILE A 109 -15.98 -18.51 3.51
C ILE A 109 -14.69 -19.29 3.77
N PHE A 110 -14.40 -19.59 5.06
CA PHE A 110 -13.19 -20.32 5.48
C PHE A 110 -13.47 -21.56 6.36
N ASN A 111 -12.49 -22.48 6.41
CA ASN A 111 -12.53 -23.73 7.20
C ASN A 111 -11.91 -23.56 8.59
N ASP A 112 -12.28 -24.44 9.54
CA ASP A 112 -11.78 -24.44 10.93
C ASP A 112 -10.28 -24.70 11.05
N SER A 113 -9.71 -25.48 10.11
CA SER A 113 -8.28 -25.77 10.06
C SER A 113 -7.54 -24.64 9.34
N LEU A 114 -8.28 -23.85 8.52
CA LEU A 114 -7.82 -22.71 7.71
C LEU A 114 -6.79 -23.13 6.67
N SER A 115 -7.28 -23.54 5.48
CA SER A 115 -6.48 -24.02 4.36
C SER A 115 -7.21 -23.88 3.02
N LYS A 116 -8.56 -23.76 3.04
CA LYS A 116 -9.40 -23.65 1.84
C LYS A 116 -10.41 -22.48 1.89
N ILE A 117 -10.78 -21.96 0.70
CA ILE A 117 -11.74 -20.86 0.48
C ILE A 117 -12.92 -21.33 -0.41
N LEU A 118 -14.14 -20.80 -0.18
CA LEU A 118 -15.36 -21.15 -0.90
C LEU A 118 -15.77 -20.13 -1.98
N LEU A 119 -15.42 -20.44 -3.25
CA LEU A 119 -15.69 -19.64 -4.44
C LEU A 119 -16.51 -20.46 -5.43
N LEU A 120 -17.50 -19.84 -6.10
CA LEU A 120 -18.33 -20.53 -7.09
C LEU A 120 -18.17 -19.96 -8.50
N ARG A 121 -18.48 -20.78 -9.50
CA ARG A 121 -18.41 -20.40 -10.92
C ARG A 121 -19.84 -20.37 -11.47
N GLY A 122 -20.15 -19.32 -12.22
CA GLY A 122 -21.46 -19.12 -12.83
C GLY A 122 -21.76 -20.04 -14.00
N ILE A 123 -23.02 -19.99 -14.48
CA ILE A 123 -23.51 -20.79 -15.61
C ILE A 123 -22.86 -20.28 -16.92
N ASN A 124 -22.90 -18.94 -17.14
CA ASN A 124 -22.34 -18.24 -18.31
C ASN A 124 -20.86 -17.88 -18.13
N SER A 125 -20.47 -17.51 -16.89
CA SER A 125 -19.13 -17.08 -16.50
C SER A 125 -18.19 -18.24 -16.12
N LYS A 126 -16.96 -18.19 -16.67
CA LYS A 126 -15.87 -19.16 -16.43
C LYS A 126 -14.84 -18.48 -15.49
N HIS A 127 -15.37 -17.68 -14.54
CA HIS A 127 -14.66 -16.88 -13.53
C HIS A 127 -15.14 -17.30 -12.13
N TRP A 128 -14.21 -17.48 -11.17
CA TRP A 128 -14.50 -17.91 -9.79
C TRP A 128 -14.56 -16.71 -8.82
N SER A 129 -15.65 -16.63 -8.03
CA SER A 129 -15.90 -15.55 -7.06
C SER A 129 -16.73 -15.99 -5.85
N PHE A 130 -16.75 -15.15 -4.79
CA PHE A 130 -17.52 -15.37 -3.56
C PHE A 130 -19.01 -15.26 -3.92
N PRO A 131 -19.96 -15.81 -3.12
CA PRO A 131 -21.39 -15.66 -3.48
C PRO A 131 -21.83 -14.20 -3.56
N ARG A 132 -21.90 -13.65 -4.79
CA ARG A 132 -22.22 -12.24 -5.05
C ARG A 132 -23.57 -12.01 -5.77
N GLY A 133 -24.43 -11.23 -5.11
CA GLY A 133 -25.76 -10.85 -5.59
C GLY A 133 -26.19 -9.47 -5.12
N LYS A 134 -27.19 -8.89 -5.81
CA LYS A 134 -27.73 -7.53 -5.57
C LYS A 134 -28.59 -7.38 -4.28
N ILE A 135 -28.63 -6.15 -3.70
CA ILE A 135 -29.34 -5.77 -2.45
C ILE A 135 -30.82 -5.41 -2.64
N GLY A 136 -31.44 -4.90 -1.56
CA GLY A 136 -32.83 -4.46 -1.51
C GLY A 136 -33.04 -3.14 -0.76
N LYS A 137 -34.25 -2.94 -0.21
CA LYS A 137 -34.65 -1.73 0.53
C LYS A 137 -34.68 -1.97 2.05
N ASP A 138 -34.16 -1.00 2.81
CA ASP A 138 -34.04 -0.93 4.28
C ASP A 138 -33.78 -2.31 4.96
N GLU A 139 -32.66 -2.95 4.56
CA GLU A 139 -32.20 -4.23 5.11
C GLU A 139 -30.72 -4.13 5.50
N ASP A 140 -30.36 -4.66 6.69
CA ASP A 140 -28.98 -4.63 7.19
C ASP A 140 -28.03 -5.45 6.31
N ASP A 141 -26.83 -4.89 6.02
CA ASP A 141 -25.79 -5.48 5.17
C ASP A 141 -25.40 -6.91 5.54
N VAL A 142 -25.64 -7.30 6.81
CA VAL A 142 -25.38 -8.64 7.35
C VAL A 142 -26.53 -9.62 7.07
N ALA A 143 -27.77 -9.10 6.94
CA ALA A 143 -28.98 -9.88 6.64
C ALA A 143 -29.08 -10.19 5.14
N CYS A 144 -28.54 -9.28 4.29
CA CYS A 144 -28.51 -9.43 2.82
C CYS A 144 -27.37 -10.38 2.45
N CYS A 145 -26.37 -10.50 3.34
CA CYS A 145 -25.18 -11.35 3.20
C CYS A 145 -25.55 -12.84 3.33
N ILE A 146 -26.24 -13.24 4.42
CA ILE A 146 -26.66 -14.62 4.69
C ILE A 146 -27.77 -15.09 3.72
N ARG A 147 -28.65 -14.17 3.29
CA ARG A 147 -29.74 -14.43 2.36
C ARG A 147 -29.19 -14.73 0.95
N GLU A 148 -28.13 -14.00 0.51
CA GLU A 148 -27.48 -14.21 -0.79
C GLU A 148 -26.63 -15.48 -0.80
N VAL A 149 -26.17 -15.92 0.39
CA VAL A 149 -25.41 -17.15 0.54
C VAL A 149 -26.38 -18.35 0.68
N LYS A 150 -27.69 -18.07 0.80
CA LYS A 150 -28.78 -19.06 0.87
C LYS A 150 -29.30 -19.32 -0.56
N GLU A 151 -29.27 -18.28 -1.42
CA GLU A 151 -29.71 -18.28 -2.82
C GLU A 151 -28.66 -18.90 -3.76
N GLU A 152 -27.36 -18.66 -3.50
CA GLU A 152 -26.28 -19.14 -4.35
C GLU A 152 -25.57 -20.41 -3.85
N THR A 153 -25.62 -20.71 -2.52
CA THR A 153 -24.98 -21.93 -1.98
C THR A 153 -25.94 -22.73 -1.08
N GLY A 154 -26.64 -22.02 -0.19
CA GLY A 154 -27.60 -22.62 0.73
C GLY A 154 -27.06 -22.95 2.12
N PHE A 155 -26.54 -21.92 2.85
CA PHE A 155 -26.03 -22.06 4.22
C PHE A 155 -25.81 -20.73 4.94
N ASP A 156 -26.76 -20.33 5.79
CA ASP A 156 -26.70 -19.11 6.61
C ASP A 156 -25.76 -19.37 7.78
N LEU A 157 -24.85 -18.43 8.05
CA LEU A 157 -23.84 -18.59 9.09
C LEU A 157 -24.04 -17.68 10.30
N THR A 158 -24.39 -16.40 10.08
CA THR A 158 -24.60 -15.34 11.09
C THR A 158 -23.28 -14.95 11.78
N ALA A 163 -19.63 -9.41 11.65
CA ALA A 163 -20.50 -8.25 11.49
C ALA A 163 -19.69 -7.01 11.11
N ASP A 164 -18.62 -6.71 11.86
CA ASP A 164 -17.72 -5.58 11.62
C ASP A 164 -16.51 -6.01 10.78
N GLN A 165 -16.24 -7.32 10.70
CA GLN A 165 -15.13 -7.87 9.95
C GLN A 165 -15.45 -8.02 8.45
N TYR A 166 -15.48 -6.90 7.72
CA TYR A 166 -15.74 -6.90 6.28
C TYR A 166 -14.53 -6.46 5.47
N VAL A 167 -14.64 -6.47 4.12
CA VAL A 167 -13.59 -6.08 3.18
C VAL A 167 -14.19 -5.25 2.00
N GLU A 168 -14.42 -3.94 2.24
CA GLU A 168 -14.98 -2.98 1.29
C GLU A 168 -14.06 -2.74 0.10
N ARG A 169 -14.63 -2.37 -1.08
CA ARG A 169 -13.96 -2.06 -2.35
C ARG A 169 -15.00 -1.74 -3.43
N ASN A 170 -14.80 -0.65 -4.19
CA ASN A 170 -15.68 -0.26 -5.30
C ASN A 170 -15.02 -0.77 -6.61
N MET A 171 -15.77 -1.55 -7.42
CA MET A 171 -15.29 -2.13 -8.68
C MET A 171 -16.28 -1.88 -9.83
N ASN A 172 -15.97 -0.86 -10.65
CA ASN A 172 -16.73 -0.43 -11.84
C ASN A 172 -18.23 -0.14 -11.53
N GLY A 173 -18.45 0.73 -10.54
CA GLY A 173 -19.78 1.16 -10.11
C GLY A 173 -20.58 0.13 -9.33
N LYS A 174 -19.90 -0.67 -8.48
CA LYS A 174 -20.52 -1.69 -7.62
C LYS A 174 -19.79 -1.75 -6.27
N ASN A 175 -20.46 -1.33 -5.16
CA ASN A 175 -19.87 -1.31 -3.80
C ASN A 175 -19.85 -2.71 -3.15
N PHE A 176 -18.76 -3.45 -3.39
CA PHE A 176 -18.56 -4.80 -2.84
C PHE A 176 -18.07 -4.70 -1.39
N LYS A 177 -18.86 -5.24 -0.44
CA LYS A 177 -18.55 -5.23 0.99
C LYS A 177 -18.59 -6.68 1.52
N ILE A 178 -17.63 -7.49 1.06
CA ILE A 178 -17.51 -8.91 1.41
C ILE A 178 -17.09 -9.11 2.88
N PHE A 179 -17.96 -9.73 3.66
CA PHE A 179 -17.71 -10.01 5.07
C PHE A 179 -16.74 -11.20 5.23
N LEU A 180 -16.17 -11.37 6.43
CA LEU A 180 -15.22 -12.45 6.72
C LEU A 180 -15.78 -13.40 7.77
N VAL A 181 -16.07 -14.65 7.37
CA VAL A 181 -16.60 -15.66 8.31
C VAL A 181 -15.69 -16.90 8.27
N LYS A 182 -15.12 -17.23 9.43
CA LYS A 182 -14.26 -18.39 9.63
C LYS A 182 -15.02 -19.42 10.47
N GLY A 183 -15.05 -20.66 10.00
CA GLY A 183 -15.72 -21.77 10.69
C GLY A 183 -17.02 -22.25 10.08
N VAL A 184 -16.91 -23.02 8.99
CA VAL A 184 -18.02 -23.63 8.26
C VAL A 184 -17.56 -25.07 7.85
N PRO A 185 -18.40 -26.13 7.97
CA PRO A 185 -17.94 -27.49 7.61
C PRO A 185 -17.50 -27.66 6.16
N GLU A 186 -16.29 -28.23 5.96
CA GLU A 186 -15.73 -28.47 4.63
C GLU A 186 -16.33 -29.73 3.96
N ASP A 187 -16.83 -30.69 4.77
CA ASP A 187 -17.44 -31.95 4.31
C ASP A 187 -18.86 -31.75 3.75
N PHE A 188 -19.62 -30.77 4.30
CA PHE A 188 -21.00 -30.44 3.94
C PHE A 188 -21.18 -30.20 2.44
N GLU A 189 -22.30 -30.72 1.89
CA GLU A 189 -22.66 -30.61 0.48
C GLU A 189 -23.55 -29.39 0.22
N PHE A 190 -23.00 -28.41 -0.54
CA PHE A 190 -23.67 -27.15 -0.91
C PHE A 190 -24.25 -27.29 -2.35
N LYS A 191 -25.53 -26.87 -2.53
CA LYS A 191 -26.23 -26.94 -3.83
C LYS A 191 -27.11 -25.69 -4.08
N PRO A 192 -27.26 -25.21 -5.36
CA PRO A 192 -28.10 -24.02 -5.60
C PRO A 192 -29.59 -24.24 -5.31
N GLU A 193 -30.16 -23.40 -4.42
CA GLU A 193 -31.58 -23.46 -4.02
C GLU A 193 -32.50 -22.69 -4.99
N HIS A 194 -31.93 -22.19 -6.10
CA HIS A 194 -32.64 -21.44 -7.14
C HIS A 194 -32.45 -22.06 -8.53
N LYS A 195 -33.54 -22.05 -9.34
CA LYS A 195 -33.55 -22.57 -10.71
C LYS A 195 -32.68 -21.68 -11.60
N ASN A 196 -31.71 -22.31 -12.32
CA ASN A 196 -30.75 -21.70 -13.24
C ASN A 196 -29.70 -20.83 -12.51
N LYS A 204 -11.53 -24.49 -3.54
CA LYS A 204 -10.12 -24.57 -3.90
C LYS A 204 -9.21 -24.25 -2.71
N ASP A 205 -7.97 -24.77 -2.75
CA ASP A 205 -6.93 -24.62 -1.72
C ASP A 205 -6.39 -23.19 -1.71
N PHE A 206 -6.09 -22.64 -0.51
CA PHE A 206 -5.53 -21.28 -0.38
C PHE A 206 -4.08 -21.28 -0.84
N LYS A 207 -3.39 -22.42 -0.63
CA LYS A 207 -2.00 -22.65 -1.04
C LYS A 207 -1.91 -22.60 -2.57
N LYS A 208 -2.90 -23.21 -3.26
CA LYS A 208 -3.02 -23.27 -4.71
C LYS A 208 -3.40 -21.90 -5.33
N LEU A 209 -4.00 -20.98 -4.53
CA LEU A 209 -4.43 -19.65 -4.99
C LEU A 209 -3.39 -18.55 -4.86
N SER A 210 -2.46 -18.70 -3.90
CA SER A 210 -1.37 -17.77 -3.63
C SER A 210 -0.33 -17.77 -4.77
N LYS A 211 0.04 -18.98 -5.24
CA LYS A 211 1.01 -19.19 -6.31
C LYS A 211 0.45 -18.76 -7.68
N ALA A 212 -0.88 -18.89 -7.87
CA ALA A 212 -1.61 -18.58 -9.12
C ALA A 212 -1.79 -17.10 -9.42
N ILE A 213 -2.14 -16.30 -8.39
CA ILE A 213 -2.36 -14.87 -8.54
C ILE A 213 -1.02 -14.12 -8.73
N THR A 214 0.08 -14.61 -8.10
CA THR A 214 1.43 -14.02 -8.17
C THR A 214 1.94 -13.86 -9.63
N LYS A 215 1.55 -14.78 -10.54
CA LYS A 215 1.90 -14.74 -11.96
C LYS A 215 1.15 -13.59 -12.65
N ASN A 216 1.89 -12.54 -13.07
CA ASN A 216 1.36 -11.35 -13.74
C ASN A 216 2.05 -11.11 -15.08
N LEU A 224 -13.03 -10.31 -8.88
CA LEU A 224 -13.04 -9.57 -7.62
C LEU A 224 -12.14 -10.22 -6.57
N VAL A 225 -12.09 -11.56 -6.52
CA VAL A 225 -11.24 -12.31 -5.59
C VAL A 225 -9.78 -12.09 -6.00
N ASN A 226 -9.54 -11.85 -7.31
CA ASN A 226 -8.22 -11.57 -7.89
C ASN A 226 -7.57 -10.29 -7.30
N SER A 227 -8.38 -9.40 -6.68
CA SER A 227 -7.93 -8.15 -6.06
C SER A 227 -7.80 -8.22 -4.53
N MET A 228 -8.65 -9.03 -3.87
CA MET A 228 -8.62 -9.19 -2.41
C MET A 228 -7.80 -10.39 -1.94
N ILE A 229 -6.76 -10.76 -2.71
CA ILE A 229 -5.83 -11.85 -2.40
C ILE A 229 -5.03 -11.52 -1.16
N ARG A 230 -4.31 -10.38 -1.19
CA ARG A 230 -3.47 -9.88 -0.11
C ARG A 230 -4.29 -9.60 1.17
N PRO A 231 -5.46 -8.87 1.15
CA PRO A 231 -6.25 -8.76 2.39
C PRO A 231 -6.70 -10.13 2.90
N LEU A 232 -7.02 -11.09 1.98
CA LEU A 232 -7.42 -12.45 2.35
C LEU A 232 -6.27 -13.26 2.92
N SER A 233 -5.02 -12.92 2.51
CA SER A 233 -3.81 -13.55 3.00
C SER A 233 -3.53 -13.02 4.40
N LEU A 234 -3.90 -11.74 4.65
CA LEU A 234 -3.76 -11.09 5.96
C LEU A 234 -4.75 -11.68 6.96
N TYR A 235 -5.91 -12.19 6.50
CA TYR A 235 -6.90 -12.84 7.36
C TYR A 235 -6.40 -14.23 7.75
N VAL A 236 -5.58 -14.85 6.84
CA VAL A 236 -4.94 -16.17 6.96
C VAL A 236 -3.70 -16.12 7.88
N LYS A 237 -2.78 -15.14 7.66
CA LYS A 237 -1.56 -14.94 8.46
C LYS A 237 -1.93 -14.68 9.94
N ASN A 238 -3.02 -13.92 10.18
CA ASN A 238 -3.52 -13.50 11.51
C ASN A 238 -4.14 -14.64 12.36
N GLU A 239 -5.20 -15.31 11.85
CA GLU A 239 -5.93 -16.38 12.56
C GLU A 239 -5.05 -17.55 13.06
N LYS A 240 -3.89 -17.78 12.42
CA LYS A 240 -2.94 -18.82 12.79
C LYS A 240 -2.05 -18.35 13.92
N SER B 2 -3.44 30.28 1.95
CA SER B 2 -3.18 28.96 2.54
C SER B 2 -2.29 28.05 1.66
N THR B 3 -2.26 28.30 0.31
CA THR B 3 -1.53 27.55 -0.75
C THR B 3 -0.05 27.22 -0.44
N GLU B 4 0.62 28.01 0.43
CA GLU B 4 2.01 27.79 0.84
C GLU B 4 2.06 27.12 2.20
N THR B 5 1.11 27.46 3.11
CA THR B 5 0.98 26.86 4.44
C THR B 5 0.74 25.35 4.30
N LEU B 6 0.27 24.92 3.12
CA LEU B 6 0.02 23.52 2.78
C LEU B 6 1.33 22.79 2.52
N GLU B 7 2.22 23.35 1.67
CA GLU B 7 3.50 22.71 1.34
C GLU B 7 4.44 22.57 2.53
N ILE B 8 4.31 23.43 3.53
CA ILE B 8 5.15 23.31 4.72
C ILE B 8 4.59 22.23 5.62
N TYR B 9 3.27 21.98 5.57
CA TYR B 9 2.63 20.90 6.31
C TYR B 9 2.97 19.59 5.62
N ARG B 10 3.17 19.64 4.29
CA ARG B 10 3.54 18.48 3.49
C ARG B 10 4.93 17.99 3.89
N LYS B 11 5.90 18.90 4.10
CA LYS B 11 7.25 18.54 4.55
C LYS B 11 7.18 17.94 5.96
N ALA B 12 6.33 18.51 6.85
CA ALA B 12 6.17 18.04 8.21
C ALA B 12 5.62 16.63 8.19
N LEU B 13 4.38 16.43 7.64
CA LEU B 13 3.72 15.12 7.58
C LEU B 13 4.58 14.07 6.88
N ASN B 14 5.11 14.32 5.68
CA ASN B 14 5.98 13.35 5.03
C ASN B 14 7.09 12.87 5.96
N PHE B 15 7.88 13.82 6.46
CA PHE B 15 9.00 13.54 7.34
C PHE B 15 8.70 12.62 8.50
N ASN B 16 7.83 13.04 9.45
CA ASN B 16 7.55 12.22 10.61
C ASN B 16 6.66 11.01 10.27
N VAL B 17 6.12 10.89 9.03
CA VAL B 17 5.45 9.65 8.60
C VAL B 17 6.60 8.68 8.21
N ILE B 18 7.60 9.16 7.40
CA ILE B 18 8.77 8.37 6.98
C ILE B 18 9.68 7.99 8.19
N ALA B 19 9.82 8.89 9.21
CA ALA B 19 10.58 8.66 10.44
C ALA B 19 10.08 7.37 11.12
N ARG B 20 8.78 7.03 10.98
CA ARG B 20 8.21 5.83 11.56
C ARG B 20 8.54 4.61 10.74
N TYR B 21 8.94 4.80 9.49
CA TYR B 21 9.33 3.72 8.58
C TYR B 21 10.86 3.56 8.66
N ASP B 22 11.62 4.57 8.29
CA ASP B 22 13.06 4.54 8.49
C ASP B 22 13.26 5.48 9.67
N PRO B 23 13.66 5.00 10.83
CA PRO B 23 13.79 5.90 11.98
C PRO B 23 15.03 6.77 11.94
N LYS B 24 15.86 6.63 10.90
CA LYS B 24 17.08 7.39 10.82
C LYS B 24 17.06 8.56 9.84
N ILE B 25 15.88 9.13 9.52
CA ILE B 25 15.89 10.32 8.65
C ILE B 25 16.45 11.47 9.45
N LYS B 26 16.99 12.46 8.74
CA LYS B 26 17.47 13.70 9.30
C LYS B 26 16.83 14.85 8.51
N GLN B 27 16.97 14.81 7.19
CA GLN B 27 16.48 15.87 6.34
C GLN B 27 15.83 15.33 5.08
N LEU B 28 14.53 15.64 4.89
CA LEU B 28 13.83 15.25 3.68
C LEU B 28 14.34 16.17 2.55
N LEU B 29 15.04 15.60 1.53
CA LEU B 29 15.61 16.41 0.46
C LEU B 29 14.71 16.56 -0.75
N PHE B 30 14.01 15.50 -1.17
CA PHE B 30 13.15 15.64 -2.34
C PHE B 30 11.90 14.74 -2.31
N HIS B 31 10.76 15.27 -2.72
CA HIS B 31 9.53 14.47 -2.78
C HIS B 31 8.74 14.72 -4.09
N THR B 32 8.32 13.64 -4.77
CA THR B 32 7.53 13.76 -6.00
C THR B 32 6.24 12.97 -5.77
N PRO B 33 5.10 13.34 -6.38
CA PRO B 33 3.84 12.70 -5.99
C PRO B 33 3.40 11.43 -6.73
N HIS B 34 4.04 11.03 -7.85
CA HIS B 34 3.59 9.78 -8.45
C HIS B 34 4.68 9.00 -9.20
N ALA B 35 5.25 8.04 -8.48
CA ALA B 35 6.32 7.18 -8.97
C ALA B 35 5.86 5.74 -9.09
N THR B 36 6.53 4.95 -9.94
CA THR B 36 6.26 3.53 -10.14
C THR B 36 7.57 2.80 -10.41
N VAL B 37 7.79 1.64 -9.75
CA VAL B 37 9.05 0.87 -9.87
C VAL B 37 8.96 -0.28 -10.85
N TYR B 38 9.96 -0.38 -11.72
CA TYR B 38 10.07 -1.47 -12.67
C TYR B 38 11.42 -2.14 -12.40
N LYS B 39 11.51 -3.48 -12.53
CA LYS B 39 12.75 -4.22 -12.30
C LYS B 39 13.23 -4.94 -13.56
N TRP B 40 14.55 -5.06 -13.73
CA TRP B 40 15.18 -5.73 -14.87
C TRP B 40 15.80 -7.05 -14.44
N GLY B 41 15.63 -8.08 -15.27
CA GLY B 41 16.15 -9.42 -15.03
C GLY B 41 15.88 -10.41 -16.17
N ASP B 42 14.62 -10.46 -16.64
CA ASP B 42 14.17 -11.32 -17.74
C ASP B 42 14.31 -10.58 -19.07
N ASP B 43 15.48 -9.94 -19.29
CA ASP B 43 15.87 -9.11 -20.45
C ASP B 43 14.78 -8.10 -20.88
N ASN B 44 13.84 -7.78 -19.96
CA ASN B 44 12.74 -6.85 -20.15
C ASN B 44 12.25 -6.32 -18.79
N TRP B 45 11.48 -5.22 -18.81
CA TRP B 45 10.96 -4.60 -17.60
C TRP B 45 9.75 -5.32 -17.03
N ASN B 46 9.72 -5.47 -15.72
CA ASN B 46 8.63 -6.12 -15.01
C ASN B 46 8.00 -5.10 -14.08
N LYS B 47 6.70 -4.85 -14.22
CA LYS B 47 6.00 -3.89 -13.38
C LYS B 47 5.93 -4.45 -12.00
N LEU B 48 6.69 -3.85 -11.08
CA LEU B 48 6.71 -4.27 -9.68
C LEU B 48 5.50 -3.65 -8.99
N GLU B 49 5.06 -4.23 -7.86
CA GLU B 49 3.85 -3.79 -7.15
C GLU B 49 4.05 -2.58 -6.20
N TYR B 50 4.96 -1.65 -6.55
CA TYR B 50 5.25 -0.43 -5.79
C TYR B 50 4.88 0.82 -6.57
N GLN B 51 3.84 1.53 -6.13
CA GLN B 51 3.36 2.76 -6.76
C GLN B 51 2.82 3.74 -5.71
N GLY B 52 3.38 4.94 -5.74
CA GLY B 52 3.05 6.03 -4.83
C GLY B 52 4.05 7.17 -4.88
N VAL B 53 3.99 8.08 -3.87
CA VAL B 53 4.90 9.24 -3.74
C VAL B 53 6.38 8.81 -3.59
N LEU B 54 7.27 9.39 -4.40
CA LEU B 54 8.70 9.14 -4.27
C LEU B 54 9.28 10.18 -3.25
N ALA B 55 10.29 9.77 -2.43
CA ALA B 55 11.01 10.65 -1.48
C ALA B 55 12.52 10.24 -1.31
N ILE B 56 13.40 11.25 -1.38
CA ILE B 56 14.86 11.08 -1.19
C ILE B 56 15.28 11.88 0.09
N TYR B 57 15.76 11.17 1.11
CA TYR B 57 16.11 11.87 2.35
C TYR B 57 17.57 11.70 2.74
N LEU B 58 18.01 12.37 3.83
CA LEU B 58 19.37 12.29 4.39
C LEU B 58 19.28 11.45 5.68
N ARG B 59 20.18 10.49 5.83
CA ARG B 59 20.17 9.64 7.00
C ARG B 59 21.25 10.06 8.02
N ASP B 60 20.90 9.97 9.33
CA ASP B 60 21.76 10.29 10.49
C ASP B 60 22.78 9.19 10.71
N VAL B 61 23.76 9.10 9.82
CA VAL B 61 24.81 8.11 9.96
C VAL B 61 26.15 8.83 10.26
N GLY B 62 26.46 8.98 11.54
CA GLY B 62 25.62 8.56 12.66
C GLY B 62 26.29 7.86 13.82
N ASP B 63 25.47 7.25 14.70
CA ASP B 63 26.07 6.48 15.79
C ASP B 63 26.68 5.22 15.18
N LYS B 64 28.01 5.27 14.97
CA LYS B 64 28.85 4.16 14.48
C LYS B 64 28.51 2.93 15.37
N GLU B 65 28.58 1.69 14.81
CA GLU B 65 28.24 0.43 15.54
C GLU B 65 26.68 0.24 15.68
N ALA B 66 25.86 1.03 14.95
CA ALA B 66 24.41 0.87 14.99
C ALA B 66 23.99 -0.30 14.09
N ILE B 67 23.04 -1.09 14.57
CA ILE B 67 22.49 -2.23 13.84
C ILE B 67 21.52 -1.77 12.73
N LEU B 68 21.55 -2.44 11.57
CA LEU B 68 20.50 -2.28 10.59
C LEU B 68 19.58 -3.36 11.09
N PRO B 69 18.44 -2.93 11.65
CA PRO B 69 17.61 -3.87 12.37
C PRO B 69 16.85 -4.80 11.45
N GLU B 70 16.06 -5.75 12.05
CA GLU B 70 15.23 -6.64 11.26
C GLU B 70 13.71 -6.43 11.43
N VAL B 71 13.14 -5.83 10.38
CA VAL B 71 11.86 -6.18 9.78
C VAL B 71 11.65 -7.69 9.58
N SER B 72 10.40 -8.04 9.37
CA SER B 72 9.90 -9.38 9.13
C SER B 72 10.43 -9.89 7.80
N GLU B 84 12.88 -16.31 -6.90
CA GLU B 84 14.20 -16.31 -6.26
C GLU B 84 14.97 -14.99 -6.52
N ALA B 85 15.11 -14.57 -7.80
CA ALA B 85 15.76 -13.32 -8.18
C ALA B 85 14.77 -12.15 -8.11
N ASN B 86 13.45 -12.49 -8.02
CA ASN B 86 12.28 -11.60 -7.91
C ASN B 86 12.20 -10.82 -6.56
N THR B 87 12.59 -11.48 -5.44
CA THR B 87 12.61 -10.92 -4.09
C THR B 87 13.83 -9.96 -3.94
N PRO B 88 13.70 -8.84 -3.17
CA PRO B 88 14.86 -7.92 -3.00
C PRO B 88 15.89 -8.46 -2.00
N HIS B 89 17.08 -7.84 -1.96
CA HIS B 89 18.12 -8.28 -1.04
C HIS B 89 18.28 -7.25 0.08
N VAL B 90 17.53 -7.47 1.17
CA VAL B 90 17.48 -6.63 2.37
C VAL B 90 18.89 -6.33 2.84
N LEU B 91 19.17 -5.06 3.17
CA LEU B 91 20.50 -4.69 3.68
C LEU B 91 20.63 -5.12 5.12
N THR B 92 21.70 -5.83 5.42
CA THR B 92 21.97 -6.31 6.76
C THR B 92 23.33 -5.82 7.13
N GLY B 93 23.49 -5.41 8.37
CA GLY B 93 24.78 -4.95 8.86
C GLY B 93 24.76 -3.66 9.66
N HIS B 94 25.79 -2.85 9.47
CA HIS B 94 25.96 -1.60 10.18
C HIS B 94 25.26 -0.48 9.47
N ASP B 95 24.69 0.45 10.25
CA ASP B 95 24.03 1.62 9.68
C ASP B 95 25.12 2.56 9.24
N ILE B 96 25.46 2.50 7.93
CA ILE B 96 26.53 3.29 7.31
C ILE B 96 26.08 4.03 6.03
N TYR B 97 24.82 3.80 5.58
CA TYR B 97 24.20 4.33 4.36
C TYR B 97 23.71 5.78 4.56
N ASN B 98 24.30 6.72 3.80
CA ASN B 98 24.16 8.16 3.93
C ASN B 98 22.84 8.85 3.50
N TYR B 99 22.09 8.27 2.56
CA TYR B 99 20.84 8.89 2.10
C TYR B 99 19.80 7.79 1.79
N GLY B 100 18.53 8.14 1.79
CA GLY B 100 17.49 7.14 1.50
C GLY B 100 16.50 7.47 0.40
N LEU B 101 16.02 6.40 -0.27
CA LEU B 101 15.00 6.56 -1.29
C LEU B 101 13.79 5.70 -0.83
N ILE B 102 12.56 6.25 -0.99
CA ILE B 102 11.32 5.64 -0.51
C ILE B 102 10.10 5.99 -1.37
N ILE B 103 9.38 4.95 -1.81
CA ILE B 103 8.12 5.15 -2.52
C ILE B 103 7.05 4.77 -1.53
N MET B 104 6.32 5.79 -0.98
CA MET B 104 5.24 5.54 -0.03
C MET B 104 4.09 4.89 -0.80
N ASN B 105 3.95 3.57 -0.59
CA ASN B 105 3.03 2.72 -1.32
C ASN B 105 1.57 3.03 -1.05
N ARG B 106 0.73 2.66 -2.05
CA ARG B 106 -0.72 2.81 -2.08
C ARG B 106 -1.31 1.45 -2.43
N ILE B 107 -0.50 0.56 -3.01
CA ILE B 107 -0.88 -0.79 -3.43
C ILE B 107 -1.09 -1.66 -2.19
N ASN B 108 -0.03 -1.89 -1.39
CA ASN B 108 0.02 -2.72 -0.20
C ASN B 108 0.78 -1.97 0.91
N PRO B 109 0.73 -2.37 2.20
CA PRO B 109 1.44 -1.58 3.21
C PRO B 109 2.95 -1.47 3.06
N ASP B 110 3.67 -2.51 2.63
CA ASP B 110 5.14 -2.40 2.53
C ASP B 110 5.59 -1.43 1.42
N ASN B 111 6.36 -0.40 1.82
CA ASN B 111 6.88 0.64 0.94
C ASN B 111 8.10 0.16 0.20
N PHE B 112 8.56 0.96 -0.77
CA PHE B 112 9.75 0.64 -1.56
C PHE B 112 10.98 1.35 -1.00
N SER B 113 12.20 0.73 -1.10
CA SER B 113 13.42 1.41 -0.63
C SER B 113 14.71 1.08 -1.38
N LEU B 114 15.63 2.05 -1.40
CA LEU B 114 16.96 1.97 -2.01
C LEU B 114 17.90 2.77 -1.12
N ALA B 115 18.95 2.11 -0.66
CA ALA B 115 19.93 2.81 0.17
C ALA B 115 20.87 3.48 -0.79
N ILE B 116 21.02 4.79 -0.67
CA ILE B 116 21.90 5.51 -1.59
C ILE B 116 23.09 6.07 -0.79
N ALA B 117 24.24 5.38 -0.87
CA ALA B 117 25.46 5.82 -0.20
C ALA B 117 26.46 6.19 -1.28
N PRO B 118 27.23 7.28 -1.09
CA PRO B 118 28.18 7.71 -2.13
C PRO B 118 29.32 6.72 -2.40
N ASN B 119 29.93 6.79 -3.59
CA ASN B 119 31.10 5.95 -3.92
C ASN B 119 32.33 6.51 -3.21
N SER B 120 32.21 7.76 -2.79
CA SER B 120 33.18 8.54 -2.06
C SER B 120 33.44 7.95 -0.67
N VAL B 121 32.40 7.35 -0.05
CA VAL B 121 32.47 6.70 1.28
C VAL B 121 32.74 5.21 1.15
N LEU B 122 32.34 4.61 0.02
CA LEU B 122 32.52 3.20 -0.26
C LEU B 122 33.99 2.86 -0.46
N ASN B 123 34.69 3.63 -1.30
CA ASN B 123 36.12 3.48 -1.58
C ASN B 123 36.93 3.79 -0.33
N LYS B 124 36.40 4.68 0.51
CA LYS B 124 36.95 5.09 1.78
C LYS B 124 36.79 3.93 2.78
N ARG B 125 35.70 3.16 2.65
CA ARG B 125 35.38 2.03 3.52
C ARG B 125 36.12 0.77 3.11
N LYS B 126 35.84 0.27 1.90
CA LYS B 126 36.36 -0.96 1.30
C LYS B 126 37.88 -1.11 1.36
N LEU B 127 38.63 -0.01 1.44
CA LEU B 127 40.08 -0.07 1.54
C LEU B 127 40.58 0.01 2.96
N PHE B 128 40.03 0.94 3.77
CA PHE B 128 40.45 1.14 5.15
C PHE B 128 39.99 0.04 6.09
N ALA B 129 38.67 -0.17 6.20
CA ALA B 129 38.14 -1.21 7.07
C ALA B 129 37.45 -2.28 6.21
N PRO B 130 38.18 -3.32 5.75
CA PRO B 130 37.56 -4.34 4.89
C PRO B 130 36.62 -5.32 5.60
N ASN B 131 35.93 -4.87 6.69
CA ASN B 131 34.96 -5.69 7.42
C ASN B 131 33.54 -5.44 6.84
N ARG B 132 33.38 -5.79 5.55
CA ARG B 132 32.13 -5.64 4.79
C ARG B 132 31.09 -6.65 5.25
N GLU B 133 30.03 -6.14 5.89
CA GLU B 133 28.91 -6.94 6.40
C GLU B 133 28.17 -7.54 5.21
N GLU B 134 28.06 -6.75 4.13
CA GLU B 134 27.42 -7.13 2.88
C GLU B 134 28.27 -6.58 1.74
N GLU B 135 28.36 -7.34 0.64
CA GLU B 135 29.09 -6.93 -0.56
C GLU B 135 28.41 -5.70 -1.11
N LEU B 136 29.17 -4.62 -1.33
CA LEU B 136 28.58 -3.39 -1.84
C LEU B 136 29.28 -2.92 -3.11
N GLU B 137 28.54 -2.90 -4.23
CA GLU B 137 29.04 -2.42 -5.52
C GLU B 137 28.50 -1.00 -5.75
N PRO B 138 29.38 0.03 -5.95
CA PRO B 138 28.89 1.42 -6.09
C PRO B 138 27.77 1.65 -7.09
N MET B 139 26.88 2.57 -6.75
CA MET B 139 25.68 2.88 -7.52
C MET B 139 25.88 3.76 -8.71
N LYS B 140 25.05 3.54 -9.77
CA LYS B 140 25.01 4.42 -10.95
C LYS B 140 23.58 4.55 -11.50
N VAL B 141 23.30 5.74 -12.08
CA VAL B 141 22.02 6.19 -12.61
C VAL B 141 22.09 6.82 -13.99
N GLU B 142 20.95 6.79 -14.71
CA GLU B 142 20.80 7.36 -16.06
C GLU B 142 19.33 7.60 -16.43
N VAL B 143 19.11 8.33 -17.53
CA VAL B 143 17.79 8.62 -18.10
C VAL B 143 17.67 7.80 -19.40
N ARG B 144 16.81 6.75 -19.40
CA ARG B 144 16.60 5.85 -20.52
C ARG B 144 15.18 5.41 -20.61
N ASP B 145 14.63 5.45 -21.83
CA ASP B 145 13.29 5.01 -22.19
C ASP B 145 12.21 5.48 -21.19
N ASP B 146 12.14 6.80 -20.91
CA ASP B 146 11.17 7.41 -19.97
C ASP B 146 11.20 6.79 -18.53
N LEU B 147 12.38 6.33 -18.08
CA LEU B 147 12.60 5.74 -16.76
C LEU B 147 13.95 6.15 -16.21
N VAL B 148 14.10 6.20 -14.89
CA VAL B 148 15.37 6.57 -14.24
C VAL B 148 16.07 5.27 -13.83
N MET B 149 17.08 4.82 -14.62
CA MET B 149 17.76 3.54 -14.35
C MET B 149 18.67 3.62 -13.16
N ILE B 150 18.40 2.81 -12.13
CA ILE B 150 19.19 2.80 -10.90
C ILE B 150 19.84 1.42 -10.66
N LYS B 151 21.20 1.41 -10.61
CA LYS B 151 22.01 0.21 -10.34
C LYS B 151 22.31 0.29 -8.84
N THR B 152 21.76 -0.64 -8.05
CA THR B 152 21.89 -0.64 -6.58
C THR B 152 23.21 -1.20 -6.06
N LEU B 153 23.38 -1.17 -4.72
CA LEU B 153 24.57 -1.64 -4.03
C LEU B 153 24.70 -3.16 -4.14
N LYS B 154 23.58 -3.90 -4.11
CA LYS B 154 23.56 -5.36 -4.22
C LYS B 154 23.24 -5.79 -5.66
N LYS B 155 23.92 -5.16 -6.64
CA LYS B 155 23.85 -5.38 -8.11
C LYS B 155 22.45 -5.17 -8.74
N GLU B 156 21.35 -5.21 -7.95
CA GLU B 156 19.96 -5.06 -8.40
C GLU B 156 19.76 -3.87 -9.32
N VAL B 157 19.07 -4.07 -10.45
CA VAL B 157 18.84 -2.98 -11.39
C VAL B 157 17.38 -2.62 -11.45
N TYR B 158 17.04 -1.48 -10.86
CA TYR B 158 15.67 -0.96 -10.84
C TYR B 158 15.52 0.23 -11.83
N GLY B 159 14.28 0.65 -12.02
CA GLY B 159 13.90 1.76 -12.88
C GLY B 159 12.65 2.42 -12.34
N ILE B 160 12.71 3.73 -12.11
CA ILE B 160 11.58 4.49 -11.57
C ILE B 160 10.99 5.46 -12.61
N TRP B 161 9.64 5.48 -12.72
CA TRP B 161 8.85 6.29 -13.66
C TRP B 161 8.14 7.46 -13.00
N VAL B 162 8.09 8.59 -13.71
CA VAL B 162 7.37 9.82 -13.38
C VAL B 162 6.95 10.42 -14.72
N HIS B 163 5.70 10.88 -14.85
CA HIS B 163 5.20 11.38 -16.13
C HIS B 163 6.02 12.49 -16.75
N THR B 164 6.38 13.47 -15.94
CA THR B 164 7.14 14.62 -16.41
C THR B 164 8.56 14.26 -16.80
N PRO B 165 9.05 14.68 -17.99
CA PRO B 165 10.46 14.38 -18.33
C PRO B 165 11.41 15.26 -17.52
N GLU B 166 10.90 16.39 -17.02
CA GLU B 166 11.63 17.34 -16.18
C GLU B 166 11.91 16.67 -14.85
N ASP B 167 10.88 16.03 -14.26
CA ASP B 167 10.95 15.30 -13.00
C ASP B 167 11.88 14.10 -13.06
N ARG B 168 11.94 13.42 -14.21
CA ARG B 168 12.79 12.24 -14.42
C ARG B 168 14.27 12.61 -14.35
N GLN B 169 14.64 13.78 -14.91
CA GLN B 169 16.02 14.27 -14.87
C GLN B 169 16.31 14.85 -13.48
N ASN B 170 15.29 15.47 -12.86
CA ASN B 170 15.36 16.08 -11.53
C ASN B 170 15.85 15.10 -10.49
N ILE B 171 15.22 13.92 -10.42
CA ILE B 171 15.56 12.85 -9.49
C ILE B 171 16.89 12.19 -9.93
N TYR B 172 17.15 12.11 -11.25
CA TYR B 172 18.41 11.54 -11.75
C TYR B 172 19.64 12.37 -11.28
N GLU B 173 19.67 13.70 -11.61
CA GLU B 173 20.77 14.61 -11.30
C GLU B 173 21.05 14.71 -9.80
N LEU B 174 20.00 14.50 -8.97
CA LEU B 174 20.13 14.50 -7.52
C LEU B 174 20.76 13.20 -7.12
N ILE B 175 20.17 12.06 -7.54
CA ILE B 175 20.73 10.76 -7.21
C ILE B 175 22.21 10.78 -7.60
N LYS B 176 22.53 11.31 -8.82
CA LYS B 176 23.88 11.46 -9.38
C LYS B 176 24.75 12.36 -8.51
N TYR B 177 24.23 13.51 -8.02
CA TYR B 177 25.01 14.35 -7.13
C TYR B 177 25.38 13.60 -5.84
N LEU B 178 24.39 12.95 -5.20
CA LEU B 178 24.54 12.22 -3.96
C LEU B 178 25.67 11.22 -4.02
N LEU B 179 25.70 10.39 -5.09
CA LEU B 179 26.72 9.37 -5.22
C LEU B 179 28.07 9.92 -5.68
N GLU B 180 28.10 10.89 -6.61
CA GLU B 180 29.38 11.44 -7.10
C GLU B 180 30.05 12.39 -6.09
N ASN B 181 29.28 12.92 -5.11
CA ASN B 181 29.78 13.84 -4.08
C ASN B 181 29.98 13.20 -2.70
N GLU B 182 30.51 13.99 -1.75
CA GLU B 182 30.83 13.59 -0.38
C GLU B 182 29.64 13.90 0.55
N PRO B 183 29.48 13.21 1.72
CA PRO B 183 28.33 13.50 2.60
C PRO B 183 28.18 14.97 3.01
N THR B 184 27.00 15.51 2.68
CA THR B 184 26.61 16.91 2.83
C THR B 184 25.58 17.16 3.95
N ASP B 185 25.20 18.45 4.14
CA ASP B 185 24.19 19.00 5.05
C ASP B 185 23.69 20.32 4.43
N SER B 186 22.61 20.20 3.62
CA SER B 186 21.98 21.25 2.84
C SER B 186 21.09 22.18 3.65
#